data_1SRJ
#
_entry.id   1SRJ
#
_cell.length_a   95.200
_cell.length_b   106.500
_cell.length_c   47.900
_cell.angle_alpha   90.00
_cell.angle_beta   90.00
_cell.angle_gamma   90.00
#
_symmetry.space_group_name_H-M   'I 2 2 2'
#
loop_
_entity.id
_entity.type
_entity.pdbx_description
1 polymer STREPTAVIDIN
2 non-polymer "2-((4'-HYDROXYNAPHTHYL)-AZO)BENZOIC ACID"
3 water water
#
_entity_poly.entity_id   1
_entity_poly.type   'polypeptide(L)'
_entity_poly.pdbx_seq_one_letter_code
;AEAGITGTWYNQLGSTFIVTAGADGALTGTYESAVGNAESRYVLTGRYDSAPATDGSGTALGWTVAWKNNYRNAHSATTW
SGQYVGGAEARINTQWLLTSGTTEANAWKSTLVGHDTFTKV
;
_entity_poly.pdbx_strand_id   A,B
#
# COMPACT_ATOMS: atom_id res chain seq x y z
N ALA A 1 3.18 -5.83 -17.57
CA ALA A 1 4.49 -6.32 -17.08
C ALA A 1 5.42 -5.13 -16.89
N GLU A 2 6.62 -5.43 -16.45
CA GLU A 2 7.62 -4.36 -16.21
C GLU A 2 7.33 -3.22 -17.17
N ALA A 3 7.49 -3.54 -18.45
CA ALA A 3 7.24 -2.55 -19.51
C ALA A 3 5.81 -2.05 -19.50
N GLY A 4 4.89 -2.98 -19.28
CA GLY A 4 3.46 -2.70 -19.27
C GLY A 4 3.11 -1.59 -18.27
N ILE A 5 3.50 -1.85 -17.02
CA ILE A 5 3.24 -0.94 -15.93
C ILE A 5 4.03 0.36 -15.97
N THR A 6 5.31 0.30 -16.29
CA THR A 6 6.16 1.50 -16.32
C THR A 6 5.61 2.61 -17.21
N GLY A 7 5.59 3.83 -16.68
CA GLY A 7 5.08 4.97 -17.47
C GLY A 7 4.36 6.01 -16.62
N THR A 8 3.60 6.83 -17.34
CA THR A 8 2.77 7.91 -16.82
C THR A 8 1.29 7.55 -16.96
N TRP A 9 0.57 7.76 -15.86
CA TRP A 9 -0.86 7.47 -15.79
C TRP A 9 -1.59 8.64 -15.15
N TYR A 10 -2.89 8.72 -15.45
CA TYR A 10 -3.71 9.81 -14.84
C TYR A 10 -5.00 9.11 -14.39
N ASN A 11 -5.56 9.65 -13.36
CA ASN A 11 -6.82 9.13 -12.80
C ASN A 11 -7.92 10.10 -13.16
N GLN A 12 -9.13 9.75 -12.71
CA GLN A 12 -10.32 10.56 -13.02
C GLN A 12 -10.28 11.92 -12.39
N LEU A 13 -9.47 12.15 -11.37
CA LEU A 13 -9.40 13.49 -10.75
C LEU A 13 -8.39 14.40 -11.47
N GLY A 14 -7.55 13.89 -12.32
CA GLY A 14 -6.52 14.73 -12.98
C GLY A 14 -5.17 14.54 -12.28
N SER A 15 -5.10 13.58 -11.36
CA SER A 15 -3.86 13.27 -10.64
C SER A 15 -2.94 12.49 -11.60
N THR A 16 -1.64 12.67 -11.40
CA THR A 16 -0.59 12.07 -12.21
C THR A 16 0.22 11.05 -11.40
N PHE A 17 0.39 9.88 -11.93
CA PHE A 17 1.17 8.79 -11.25
C PHE A 17 2.28 8.41 -12.26
N ILE A 18 3.52 8.60 -11.88
CA ILE A 18 4.69 8.25 -12.77
C ILE A 18 5.35 7.05 -12.08
N VAL A 19 5.43 5.92 -12.71
CA VAL A 19 5.95 4.70 -12.09
C VAL A 19 6.93 3.89 -12.91
N THR A 20 7.85 3.26 -12.19
CA THR A 20 8.84 2.35 -12.82
C THR A 20 8.70 0.99 -12.12
N ALA A 21 8.42 -0.05 -12.83
CA ALA A 21 8.27 -1.41 -12.32
C ALA A 21 9.61 -2.13 -12.46
N GLY A 22 10.17 -2.51 -11.34
CA GLY A 22 11.51 -3.20 -11.38
C GLY A 22 11.33 -4.71 -11.58
N ALA A 23 12.42 -5.34 -12.05
CA ALA A 23 12.36 -6.79 -12.33
C ALA A 23 12.13 -7.62 -11.08
N ASP A 24 12.48 -7.11 -9.92
CA ASP A 24 12.31 -7.78 -8.65
C ASP A 24 10.93 -7.56 -8.03
N GLY A 25 9.99 -7.00 -8.78
CA GLY A 25 8.63 -6.76 -8.28
C GLY A 25 8.43 -5.43 -7.57
N ALA A 26 9.39 -4.54 -7.53
CA ALA A 26 9.30 -3.24 -6.90
C ALA A 26 8.61 -2.18 -7.75
N LEU A 27 7.87 -1.27 -7.09
CA LEU A 27 7.27 -0.15 -7.87
C LEU A 27 7.89 1.09 -7.16
N THR A 28 8.32 2.04 -7.92
CA THR A 28 8.91 3.29 -7.38
C THR A 28 8.48 4.39 -8.36
N GLY A 29 8.26 5.55 -7.83
CA GLY A 29 7.85 6.68 -8.70
C GLY A 29 7.43 7.87 -7.83
N THR A 30 6.58 8.64 -8.52
CA THR A 30 6.11 9.89 -7.86
C THR A 30 4.65 10.09 -8.18
N TYR A 31 3.97 10.73 -7.24
CA TYR A 31 2.53 11.02 -7.38
C TYR A 31 2.29 12.52 -7.27
N GLU A 32 1.50 13.01 -8.21
CA GLU A 32 1.16 14.46 -8.21
C GLU A 32 -0.37 14.61 -8.20
N SER A 33 -0.90 14.98 -7.04
CA SER A 33 -2.30 15.10 -6.75
C SER A 33 -3.04 16.40 -7.03
N ALA A 34 -4.29 16.22 -7.47
CA ALA A 34 -5.23 17.26 -7.81
C ALA A 34 -6.13 17.69 -6.65
N VAL A 35 -6.26 16.85 -5.64
CA VAL A 35 -7.14 17.17 -4.49
C VAL A 35 -6.47 16.99 -3.14
N GLY A 36 -7.10 17.62 -2.15
CA GLY A 36 -6.69 17.60 -0.74
C GLY A 36 -5.91 18.87 -0.39
N ASN A 37 -5.22 18.77 0.71
CA ASN A 37 -4.35 19.88 1.25
C ASN A 37 -2.97 19.57 0.67
N ALA A 38 -2.90 19.58 -0.67
CA ALA A 38 -1.69 19.20 -1.38
C ALA A 38 -0.97 20.19 -2.25
N GLU A 39 0.25 19.73 -2.61
CA GLU A 39 1.11 20.53 -3.48
C GLU A 39 2.45 19.88 -3.78
N SER A 40 2.76 19.95 -5.06
CA SER A 40 4.03 19.40 -5.59
C SER A 40 3.91 17.87 -5.60
N ARG A 41 5.02 17.18 -5.88
CA ARG A 41 4.95 15.72 -5.94
C ARG A 41 5.36 15.05 -4.65
N TYR A 42 4.93 13.80 -4.55
CA TYR A 42 5.21 12.94 -3.39
C TYR A 42 5.75 11.59 -3.88
N VAL A 43 6.62 11.01 -3.12
CA VAL A 43 7.26 9.72 -3.38
C VAL A 43 6.23 8.58 -3.16
N LEU A 44 6.32 7.58 -4.02
CA LEU A 44 5.43 6.39 -3.88
C LEU A 44 6.36 5.15 -3.91
N THR A 45 5.86 4.10 -3.27
CA THR A 45 6.56 2.82 -3.22
C THR A 45 5.45 1.72 -3.20
N GLY A 46 5.73 0.64 -3.88
CA GLY A 46 4.77 -0.47 -3.99
C GLY A 46 5.46 -1.73 -4.49
N ARG A 47 4.62 -2.74 -4.71
CA ARG A 47 5.01 -4.07 -5.19
C ARG A 47 3.96 -4.51 -6.22
N TYR A 48 4.37 -5.43 -7.07
CA TYR A 48 3.43 -5.99 -8.09
C TYR A 48 3.84 -7.44 -8.34
N ASP A 49 2.94 -8.18 -9.00
CA ASP A 49 3.21 -9.60 -9.33
C ASP A 49 4.08 -9.60 -10.60
N SER A 50 5.36 -9.95 -10.43
CA SER A 50 6.26 -9.96 -11.60
C SER A 50 6.08 -11.17 -12.49
N ALA A 51 5.23 -12.09 -12.13
CA ALA A 51 5.01 -13.32 -12.95
C ALA A 51 3.53 -13.67 -12.95
N PRO A 52 2.76 -12.81 -13.62
CA PRO A 52 1.30 -13.00 -13.69
C PRO A 52 0.95 -14.28 -14.46
N ALA A 53 -0.27 -14.71 -14.23
CA ALA A 53 -0.86 -15.91 -14.84
C ALA A 53 -0.84 -15.79 -16.37
N SER A 57 -6.05 -13.08 -15.56
CA SER A 57 -5.62 -12.18 -16.60
C SER A 57 -4.91 -10.95 -16.01
N GLY A 58 -5.51 -10.21 -15.11
CA GLY A 58 -4.93 -9.00 -14.52
C GLY A 58 -3.70 -9.20 -13.66
N THR A 59 -2.89 -8.15 -13.49
CA THR A 59 -1.69 -8.18 -12.67
C THR A 59 -1.94 -7.43 -11.35
N ALA A 60 -1.87 -8.18 -10.27
CA ALA A 60 -2.08 -7.65 -8.93
C ALA A 60 -0.97 -6.70 -8.54
N LEU A 61 -1.36 -5.60 -7.91
CA LEU A 61 -0.38 -4.61 -7.43
C LEU A 61 -0.98 -3.72 -6.34
N GLY A 62 -0.07 -2.93 -5.77
CA GLY A 62 -0.49 -1.94 -4.74
C GLY A 62 0.68 -1.01 -4.48
N TRP A 63 0.38 0.16 -4.03
CA TRP A 63 1.37 1.21 -3.69
C TRP A 63 0.79 2.10 -2.61
N THR A 64 1.72 2.82 -1.97
CA THR A 64 1.43 3.74 -0.88
C THR A 64 2.10 5.12 -1.18
N VAL A 65 1.41 6.13 -0.73
CA VAL A 65 1.81 7.50 -0.69
C VAL A 65 1.55 8.08 0.75
N ALA A 66 2.56 8.63 1.34
CA ALA A 66 2.46 9.35 2.65
C ALA A 66 2.44 10.83 2.20
N TRP A 67 1.38 11.55 2.50
CA TRP A 67 1.22 12.93 2.05
C TRP A 67 2.08 13.95 2.79
N LYS A 68 3.36 13.80 2.59
CA LYS A 68 4.41 14.68 3.17
C LYS A 68 5.57 14.77 2.18
N ASN A 69 5.93 16.02 1.91
CA ASN A 69 7.07 16.35 1.02
C ASN A 69 7.77 17.54 1.69
N ASN A 70 8.69 18.18 0.96
CA ASN A 70 9.42 19.32 1.55
C ASN A 70 8.58 20.57 1.72
N TYR A 71 7.40 20.61 1.17
CA TYR A 71 6.52 21.77 1.21
C TYR A 71 5.31 21.63 2.10
N ARG A 72 4.79 20.42 2.27
CA ARG A 72 3.60 20.29 3.17
C ARG A 72 3.54 18.91 3.80
N ASN A 73 2.72 18.80 4.82
CA ASN A 73 2.48 17.56 5.58
C ASN A 73 1.00 17.52 6.02
N ALA A 74 0.26 16.55 5.52
CA ALA A 74 -1.17 16.47 5.92
C ALA A 74 -1.37 15.38 6.94
N HIS A 75 -0.26 14.72 7.31
CA HIS A 75 -0.34 13.66 8.35
C HIS A 75 -1.36 12.58 7.94
N SER A 76 -1.18 12.11 6.74
CA SER A 76 -2.13 11.03 6.24
C SER A 76 -1.42 10.21 5.21
N ALA A 77 -1.90 9.02 4.89
CA ALA A 77 -1.30 8.16 3.88
C ALA A 77 -2.44 7.42 3.12
N THR A 78 -2.19 7.21 1.85
CA THR A 78 -3.20 6.46 1.03
C THR A 78 -2.52 5.19 0.46
N THR A 79 -3.26 4.09 0.44
CA THR A 79 -2.79 2.86 -0.18
C THR A 79 -3.81 2.45 -1.28
N TRP A 80 -3.30 2.17 -2.45
CA TRP A 80 -4.15 1.76 -3.58
C TRP A 80 -3.89 0.26 -3.80
N SER A 81 -4.95 -0.49 -3.94
CA SER A 81 -4.86 -1.94 -4.19
C SER A 81 -5.74 -2.20 -5.44
N GLY A 82 -5.17 -2.99 -6.39
CA GLY A 82 -5.96 -3.27 -7.63
C GLY A 82 -5.17 -4.11 -8.61
N GLN A 83 -5.52 -4.00 -9.87
CA GLN A 83 -4.89 -4.75 -10.94
C GLN A 83 -4.67 -3.92 -12.19
N TYR A 84 -3.62 -4.35 -12.87
CA TYR A 84 -3.19 -3.78 -14.16
C TYR A 84 -3.80 -4.71 -15.23
N VAL A 85 -4.42 -4.12 -16.22
CA VAL A 85 -5.04 -4.88 -17.33
C VAL A 85 -4.47 -4.26 -18.60
N GLY A 86 -3.67 -5.01 -19.31
CA GLY A 86 -3.03 -4.57 -20.55
C GLY A 86 -3.99 -4.67 -21.72
N GLY A 87 -3.43 -4.29 -22.86
CA GLY A 87 -4.15 -4.30 -24.15
C GLY A 87 -4.17 -2.92 -24.82
N ALA A 88 -5.28 -2.75 -25.54
CA ALA A 88 -5.55 -1.52 -26.31
C ALA A 88 -5.64 -0.39 -25.28
N GLU A 89 -6.68 -0.50 -24.47
CA GLU A 89 -6.91 0.51 -23.41
C GLU A 89 -6.37 -0.03 -22.09
N ALA A 90 -5.05 0.10 -21.96
CA ALA A 90 -4.35 -0.35 -20.72
C ALA A 90 -4.90 0.53 -19.58
N ARG A 91 -5.22 -0.12 -18.49
CA ARG A 91 -5.77 0.57 -17.31
C ARG A 91 -5.34 -0.12 -16.00
N ILE A 92 -5.43 0.72 -14.96
CA ILE A 92 -5.17 0.20 -13.60
C ILE A 92 -6.48 0.51 -12.82
N ASN A 93 -7.14 -0.53 -12.41
CA ASN A 93 -8.43 -0.40 -11.65
C ASN A 93 -8.12 -0.53 -10.17
N THR A 94 -8.42 0.43 -9.34
CA THR A 94 -8.09 0.27 -7.90
C THR A 94 -9.22 0.65 -6.92
N GLN A 95 -8.98 0.27 -5.68
CA GLN A 95 -9.77 0.63 -4.50
C GLN A 95 -8.71 1.21 -3.56
N TRP A 96 -9.05 2.23 -2.80
CA TRP A 96 -8.01 2.85 -1.94
C TRP A 96 -8.58 3.11 -0.56
N LEU A 97 -7.64 3.25 0.38
CA LEU A 97 -7.93 3.55 1.76
C LEU A 97 -7.03 4.76 2.14
N LEU A 98 -7.62 5.78 2.67
CA LEU A 98 -6.84 6.98 3.10
C LEU A 98 -6.98 7.09 4.62
N THR A 99 -5.93 6.95 5.39
CA THR A 99 -5.95 7.08 6.83
C THR A 99 -5.25 8.39 7.28
N SER A 100 -5.83 9.10 8.20
CA SER A 100 -5.28 10.35 8.76
C SER A 100 -4.85 10.08 10.21
N GLY A 101 -3.80 10.72 10.64
CA GLY A 101 -3.33 10.55 12.05
C GLY A 101 -4.41 11.25 12.90
N THR A 102 -4.86 10.55 13.90
CA THR A 102 -5.88 11.11 14.81
C THR A 102 -5.57 10.71 16.24
N THR A 103 -6.39 11.30 17.12
CA THR A 103 -6.27 10.94 18.58
C THR A 103 -7.05 9.65 18.72
N GLU A 104 -6.91 8.96 19.82
CA GLU A 104 -7.60 7.68 20.05
C GLU A 104 -9.10 7.83 20.09
N ALA A 105 -9.60 8.98 20.46
CA ALA A 105 -11.06 9.22 20.56
C ALA A 105 -11.70 9.29 19.17
N ASN A 106 -10.97 9.85 18.23
CA ASN A 106 -11.41 10.04 16.86
C ASN A 106 -11.02 8.91 15.90
N ALA A 107 -10.24 7.96 16.32
CA ALA A 107 -9.74 6.85 15.51
C ALA A 107 -10.83 6.14 14.73
N TRP A 108 -12.02 6.04 15.35
CA TRP A 108 -13.13 5.35 14.64
C TRP A 108 -13.44 5.94 13.32
N LYS A 109 -13.23 7.24 13.10
CA LYS A 109 -13.55 7.85 11.80
C LYS A 109 -12.31 8.39 11.09
N SER A 110 -11.25 7.56 11.15
CA SER A 110 -9.97 7.98 10.53
C SER A 110 -9.75 7.52 9.14
N THR A 111 -10.60 6.66 8.58
CA THR A 111 -10.34 6.12 7.26
C THR A 111 -11.42 6.25 6.23
N LEU A 112 -11.03 6.78 5.06
CA LEU A 112 -11.89 6.93 3.90
C LEU A 112 -11.59 5.73 2.95
N VAL A 113 -12.58 5.42 2.16
CA VAL A 113 -12.51 4.35 1.14
C VAL A 113 -13.00 4.95 -0.19
N GLY A 114 -12.37 4.55 -1.29
CA GLY A 114 -12.83 5.07 -2.60
C GLY A 114 -12.28 4.16 -3.72
N HIS A 115 -12.44 4.66 -4.93
CA HIS A 115 -11.93 3.89 -6.12
C HIS A 115 -11.42 4.87 -7.17
N ASP A 116 -10.31 4.51 -7.81
CA ASP A 116 -9.63 5.28 -8.84
C ASP A 116 -9.34 4.32 -10.05
N THR A 117 -9.49 4.89 -11.20
CA THR A 117 -9.22 4.23 -12.49
C THR A 117 -8.14 5.08 -13.18
N PHE A 118 -7.03 4.41 -13.51
CA PHE A 118 -5.89 5.04 -14.12
C PHE A 118 -5.80 4.64 -15.60
N THR A 119 -5.49 5.68 -16.39
CA THR A 119 -5.34 5.45 -17.86
C THR A 119 -3.93 5.90 -18.21
N LYS A 120 -3.30 5.10 -19.04
CA LYS A 120 -1.92 5.28 -19.47
C LYS A 120 -1.77 6.18 -20.67
N VAL A 121 -0.85 7.15 -20.52
CA VAL A 121 -0.53 8.09 -21.59
C VAL A 121 0.34 7.25 -22.66
N ALA B 3 12.30 4.04 14.89
CA ALA B 3 12.72 3.69 16.31
C ALA B 3 11.54 2.91 16.90
N GLY B 4 10.48 3.67 17.16
CA GLY B 4 9.22 3.17 17.68
C GLY B 4 8.56 2.18 16.70
N ILE B 5 8.50 2.57 15.45
CA ILE B 5 7.90 1.70 14.41
C ILE B 5 8.85 0.57 14.08
N THR B 6 10.15 0.90 14.04
CA THR B 6 11.15 -0.14 13.72
C THR B 6 11.07 -1.23 14.77
N GLY B 7 10.99 -2.48 14.30
CA GLY B 7 10.91 -3.62 15.24
C GLY B 7 10.14 -4.78 14.62
N THR B 8 9.81 -5.73 15.45
CA THR B 8 9.07 -6.95 15.05
C THR B 8 7.64 -6.88 15.61
N TRP B 9 6.65 -7.05 14.73
CA TRP B 9 5.24 -6.98 15.15
C TRP B 9 4.48 -8.24 14.75
N TYR B 10 3.30 -8.40 15.38
CA TYR B 10 2.48 -9.60 15.08
C TYR B 10 1.01 -9.20 14.98
N ASN B 11 0.28 -9.80 14.04
CA ASN B 11 -1.19 -9.49 13.96
C ASN B 11 -1.93 -10.61 14.71
N GLN B 12 -3.25 -10.51 14.69
CA GLN B 12 -4.13 -11.49 15.35
C GLN B 12 -4.07 -12.89 14.78
N LEU B 13 -3.63 -13.03 13.56
CA LEU B 13 -3.50 -14.30 12.87
C LEU B 13 -2.16 -14.96 13.25
N GLY B 14 -1.21 -14.17 13.75
CA GLY B 14 0.09 -14.74 14.12
C GLY B 14 1.17 -14.47 13.08
N SER B 15 0.82 -13.67 12.08
CA SER B 15 1.80 -13.31 11.01
C SER B 15 2.87 -12.42 11.66
N THR B 16 4.06 -12.38 11.07
CA THR B 16 5.15 -11.56 11.63
C THR B 16 5.54 -10.44 10.69
N PHE B 17 5.54 -9.24 11.18
CA PHE B 17 5.92 -8.05 10.37
C PHE B 17 7.21 -7.47 10.98
N ILE B 18 8.28 -7.57 10.26
CA ILE B 18 9.61 -7.04 10.63
C ILE B 18 9.85 -5.80 9.71
N VAL B 19 9.91 -4.65 10.33
CA VAL B 19 10.12 -3.43 9.59
C VAL B 19 11.23 -2.52 10.11
N THR B 20 11.73 -1.79 9.11
CA THR B 20 12.73 -0.73 9.39
C THR B 20 12.14 0.60 8.88
N ALA B 21 12.05 1.57 9.78
CA ALA B 21 11.53 2.90 9.36
C ALA B 21 12.71 3.86 9.13
N GLY B 22 12.79 4.40 7.95
CA GLY B 22 13.84 5.35 7.54
C GLY B 22 13.50 6.75 8.03
N ALA B 23 14.55 7.56 8.21
CA ALA B 23 14.39 8.94 8.74
C ALA B 23 13.49 9.75 7.82
N ASP B 24 13.60 9.51 6.56
CA ASP B 24 12.98 10.04 5.39
C ASP B 24 11.52 9.65 5.09
N GLY B 25 10.97 8.66 5.76
CA GLY B 25 9.59 8.25 5.54
C GLY B 25 9.42 6.88 4.93
N ALA B 26 10.55 6.20 4.65
CA ALA B 26 10.40 4.86 4.02
C ALA B 26 10.20 3.76 5.03
N LEU B 27 9.46 2.73 4.60
CA LEU B 27 9.23 1.51 5.35
C LEU B 27 9.77 0.36 4.44
N THR B 28 10.56 -0.49 4.99
CA THR B 28 11.14 -1.63 4.30
C THR B 28 11.11 -2.83 5.22
N GLY B 29 11.05 -4.03 4.64
CA GLY B 29 11.08 -5.17 5.60
C GLY B 29 10.56 -6.46 4.98
N THR B 30 10.15 -7.34 5.87
CA THR B 30 9.64 -8.68 5.47
C THR B 30 8.40 -9.00 6.30
N TYR B 31 7.54 -9.80 5.70
CA TYR B 31 6.26 -10.24 6.26
C TYR B 31 6.17 -11.76 6.13
N GLU B 32 5.94 -12.44 7.22
CA GLU B 32 5.83 -13.92 7.20
C GLU B 32 4.39 -14.25 7.64
N SER B 33 3.64 -14.72 6.69
CA SER B 33 2.23 -15.03 6.86
C SER B 33 2.00 -16.32 7.62
N ALA B 34 0.89 -16.32 8.35
CA ALA B 34 0.46 -17.47 9.15
C ALA B 34 -0.83 -18.00 8.50
N VAL B 35 -1.19 -17.36 7.39
CA VAL B 35 -2.41 -17.68 6.69
C VAL B 35 -2.39 -17.58 5.16
N GLY B 36 -3.66 -17.82 4.74
CA GLY B 36 -3.95 -17.87 3.25
C GLY B 36 -3.40 -19.32 3.04
N ASN B 37 -2.09 -19.30 3.05
CA ASN B 37 -1.30 -20.53 2.86
C ASN B 37 0.14 -20.11 2.50
N ALA B 38 0.97 -20.22 3.52
CA ALA B 38 2.39 -19.87 3.38
C ALA B 38 3.17 -20.62 4.44
N GLU B 39 4.37 -20.15 4.66
CA GLU B 39 5.32 -20.78 5.64
C GLU B 39 6.60 -19.92 5.49
N SER B 40 6.42 -19.08 4.45
CA SER B 40 7.45 -18.22 3.95
C SER B 40 7.23 -16.72 4.03
N ARG B 41 8.38 -16.04 3.84
CA ARG B 41 8.45 -14.60 3.91
C ARG B 41 8.36 -13.95 2.55
N TYR B 42 7.88 -12.71 2.63
CA TYR B 42 7.69 -11.86 1.46
C TYR B 42 8.22 -10.45 1.78
N VAL B 43 8.61 -9.78 0.73
CA VAL B 43 9.16 -8.41 0.84
C VAL B 43 7.98 -7.47 0.99
N LEU B 44 8.20 -6.40 1.74
CA LEU B 44 7.15 -5.34 1.88
C LEU B 44 7.88 -3.99 1.70
N THR B 45 7.12 -3.04 1.25
CA THR B 45 7.58 -1.64 1.07
C THR B 45 6.42 -0.71 1.43
N GLY B 46 6.73 0.43 1.99
CA GLY B 46 5.68 1.43 2.37
C GLY B 46 6.27 2.82 2.63
N ARG B 47 5.39 3.66 3.16
CA ARG B 47 5.63 5.04 3.53
C ARG B 47 4.95 5.34 4.88
N TYR B 48 5.49 6.34 5.55
CA TYR B 48 4.94 6.79 6.84
C TYR B 48 5.19 8.30 7.02
N ASP B 49 4.40 8.92 7.89
CA ASP B 49 4.64 10.39 8.15
C ASP B 49 5.83 10.48 9.12
N SER B 50 6.96 10.96 8.63
CA SER B 50 8.19 11.07 9.46
C SER B 50 8.23 12.30 10.31
N ALA B 51 7.19 13.10 10.28
CA ALA B 51 7.07 14.32 11.12
C ALA B 51 5.60 14.49 11.55
N PRO B 52 5.15 13.58 12.41
CA PRO B 52 3.76 13.55 12.90
C PRO B 52 3.41 14.77 13.74
N ALA B 53 2.12 14.97 13.93
CA ALA B 53 1.61 16.11 14.69
C ALA B 53 1.86 15.91 16.18
N SER B 57 -3.12 12.41 16.64
CA SER B 57 -1.87 12.11 17.31
C SER B 57 -1.23 10.82 16.89
N GLY B 58 -1.91 9.90 16.24
CA GLY B 58 -1.24 8.65 15.75
C GLY B 58 -0.38 9.05 14.52
N THR B 59 0.48 8.15 14.05
CA THR B 59 1.36 8.39 12.90
C THR B 59 0.82 7.62 11.69
N ALA B 60 0.45 8.30 10.64
CA ALA B 60 -0.13 7.64 9.45
C ALA B 60 0.91 6.84 8.69
N LEU B 61 0.47 5.68 8.18
CA LEU B 61 1.40 4.82 7.39
C LEU B 61 0.59 3.86 6.52
N GLY B 62 1.33 3.11 5.73
CA GLY B 62 0.84 2.07 4.85
C GLY B 62 2.00 1.31 4.23
N TRP B 63 1.68 0.10 3.75
CA TRP B 63 2.64 -0.76 3.08
C TRP B 63 1.86 -1.80 2.22
N THR B 64 2.61 -2.35 1.26
CA THR B 64 2.07 -3.37 0.36
C THR B 64 2.98 -4.61 0.37
N VAL B 65 2.29 -5.77 0.21
CA VAL B 65 2.97 -7.05 0.09
C VAL B 65 2.39 -7.73 -1.17
N ALA B 66 3.20 -8.12 -2.11
CA ALA B 66 2.66 -8.89 -3.30
C ALA B 66 2.95 -10.33 -2.89
N TRP B 67 1.99 -11.22 -2.94
CA TRP B 67 2.15 -12.59 -2.48
C TRP B 67 2.84 -13.51 -3.47
N LYS B 68 4.10 -13.15 -3.70
CA LYS B 68 4.98 -13.91 -4.62
C LYS B 68 6.39 -13.89 -4.06
N ASN B 69 6.94 -15.08 -3.91
CA ASN B 69 8.34 -15.24 -3.40
C ASN B 69 9.02 -16.31 -4.27
N ASN B 70 10.14 -16.83 -3.79
CA ASN B 70 10.90 -17.85 -4.54
C ASN B 70 10.19 -19.19 -4.67
N TYR B 71 9.27 -19.46 -3.77
CA TYR B 71 8.54 -20.71 -3.74
C TYR B 71 7.14 -20.75 -4.30
N ARG B 72 6.36 -19.69 -4.14
CA ARG B 72 4.94 -19.69 -4.56
C ARG B 72 4.53 -18.32 -5.10
N ASN B 73 3.40 -18.38 -5.83
CA ASN B 73 2.84 -17.16 -6.43
C ASN B 73 1.30 -17.26 -6.40
N ALA B 74 0.73 -16.46 -5.51
CA ALA B 74 -0.71 -16.41 -5.33
C ALA B 74 -1.39 -15.45 -6.27
N HIS B 75 -0.60 -14.71 -7.05
CA HIS B 75 -1.19 -13.72 -7.98
C HIS B 75 -2.15 -12.76 -7.25
N SER B 76 -1.68 -12.21 -6.15
CA SER B 76 -2.44 -11.26 -5.30
C SER B 76 -1.50 -10.37 -4.51
N ALA B 77 -2.09 -9.33 -3.94
CA ALA B 77 -1.37 -8.31 -3.17
C ALA B 77 -2.34 -7.72 -2.14
N THR B 78 -1.76 -7.38 -1.01
CA THR B 78 -2.49 -6.76 0.11
C THR B 78 -1.81 -5.41 0.43
N THR B 79 -2.61 -4.43 0.73
CA THR B 79 -2.16 -3.10 1.14
C THR B 79 -2.82 -2.84 2.52
N TRP B 80 -2.03 -2.40 3.45
CA TRP B 80 -2.46 -2.05 4.80
C TRP B 80 -2.36 -0.52 4.96
N SER B 81 -3.40 0.09 5.51
CA SER B 81 -3.39 1.58 5.70
C SER B 81 -3.80 1.81 7.17
N GLY B 82 -3.01 2.60 7.91
CA GLY B 82 -3.38 2.80 9.29
C GLY B 82 -2.56 3.86 10.03
N GLN B 83 -2.52 3.56 11.32
CA GLN B 83 -1.76 4.51 12.19
C GLN B 83 -1.11 3.76 13.32
N TYR B 84 0.13 4.23 13.61
CA TYR B 84 0.97 3.73 14.70
C TYR B 84 0.67 4.62 15.91
N VAL B 85 0.42 3.97 17.01
CA VAL B 85 0.10 4.63 18.32
C VAL B 85 1.14 4.03 19.30
N GLY B 86 2.06 4.88 19.66
CA GLY B 86 3.18 4.50 20.55
C GLY B 86 2.76 4.59 22.01
N GLY B 87 3.71 4.27 22.87
CA GLY B 87 3.47 4.32 24.33
C GLY B 87 3.94 2.96 24.86
N ALA B 88 3.59 2.72 26.11
CA ALA B 88 3.91 1.51 26.87
C ALA B 88 3.39 0.26 26.15
N GLU B 89 2.18 0.38 25.63
CA GLU B 89 1.56 -0.73 24.89
C GLU B 89 1.27 -0.33 23.45
N ALA B 90 2.36 -0.14 22.71
CA ALA B 90 2.39 0.24 21.31
C ALA B 90 1.57 -0.70 20.40
N ARG B 91 0.90 -0.02 19.44
CA ARG B 91 0.07 -0.76 18.47
C ARG B 91 0.08 -0.09 17.08
N ILE B 92 -0.21 -0.94 16.10
CA ILE B 92 -0.42 -0.44 14.73
C ILE B 92 -1.86 -0.92 14.34
N ASN B 93 -2.76 0.04 14.23
CA ASN B 93 -4.17 -0.27 13.87
C ASN B 93 -4.34 -0.09 12.36
N THR B 94 -4.81 -1.08 11.64
CA THR B 94 -4.94 -0.92 10.17
C THR B 94 -6.28 -1.52 9.66
N GLN B 95 -6.49 -1.16 8.43
CA GLN B 95 -7.61 -1.69 7.58
C GLN B 95 -6.85 -2.15 6.31
N TRP B 96 -7.24 -3.21 5.66
CA TRP B 96 -6.51 -3.71 4.50
C TRP B 96 -7.44 -4.07 3.35
N LEU B 97 -6.88 -4.10 2.18
CA LEU B 97 -7.48 -4.47 0.91
C LEU B 97 -6.57 -5.57 0.30
N LEU B 98 -7.18 -6.68 -0.08
CA LEU B 98 -6.47 -7.79 -0.74
C LEU B 98 -7.13 -7.97 -2.12
N THR B 99 -6.33 -7.77 -3.16
CA THR B 99 -6.82 -7.88 -4.53
C THR B 99 -6.12 -9.03 -5.24
N SER B 100 -6.93 -9.87 -5.89
CA SER B 100 -6.37 -10.99 -6.69
C SER B 100 -6.43 -10.60 -8.18
N GLY B 101 -5.48 -11.16 -8.95
CA GLY B 101 -5.50 -10.92 -10.42
C GLY B 101 -6.73 -11.78 -10.87
N THR B 102 -7.59 -11.25 -11.71
CA THR B 102 -8.78 -12.01 -12.16
C THR B 102 -9.06 -11.65 -13.63
N THR B 103 -9.96 -12.43 -14.20
CA THR B 103 -10.42 -12.15 -15.59
C THR B 103 -11.39 -10.96 -15.40
N GLU B 104 -11.77 -10.31 -16.49
CA GLU B 104 -12.69 -9.15 -16.36
C GLU B 104 -14.04 -9.55 -15.83
N ALA B 105 -14.46 -10.78 -16.07
CA ALA B 105 -15.73 -11.35 -15.66
C ALA B 105 -15.85 -11.56 -14.15
N ASN B 106 -14.73 -11.67 -13.49
CA ASN B 106 -14.67 -11.93 -12.04
C ASN B 106 -14.17 -10.69 -11.30
N ALA B 107 -13.90 -9.64 -12.02
CA ALA B 107 -13.37 -8.38 -11.51
C ALA B 107 -14.19 -7.73 -10.41
N TRP B 108 -15.49 -7.85 -10.50
CA TRP B 108 -16.44 -7.29 -9.52
C TRP B 108 -16.16 -7.79 -8.11
N LYS B 109 -15.73 -9.04 -8.00
CA LYS B 109 -15.45 -9.64 -6.71
C LYS B 109 -13.98 -10.00 -6.53
N SER B 110 -13.09 -9.13 -6.90
CA SER B 110 -11.63 -9.45 -6.78
C SER B 110 -11.02 -8.92 -5.50
N THR B 111 -11.71 -8.09 -4.76
CA THR B 111 -11.15 -7.44 -3.56
C THR B 111 -11.87 -7.70 -2.26
N LEU B 112 -11.11 -8.13 -1.28
CA LEU B 112 -11.55 -8.42 0.09
C LEU B 112 -11.09 -7.23 0.98
N VAL B 113 -11.88 -6.93 1.96
CA VAL B 113 -11.56 -5.82 2.91
C VAL B 113 -11.53 -6.43 4.32
N GLY B 114 -10.66 -5.91 5.18
CA GLY B 114 -10.51 -6.42 6.55
C GLY B 114 -9.75 -5.38 7.42
N HIS B 115 -9.47 -5.88 8.64
CA HIS B 115 -8.75 -5.03 9.63
C HIS B 115 -7.81 -5.93 10.40
N ASP B 116 -6.65 -5.42 10.72
CA ASP B 116 -5.62 -6.08 11.47
C ASP B 116 -5.10 -5.15 12.58
N THR B 117 -4.77 -5.76 13.68
CA THR B 117 -4.17 -5.05 14.81
C THR B 117 -2.78 -5.67 15.04
N PHE B 118 -1.75 -4.85 15.01
CA PHE B 118 -0.38 -5.35 15.24
C PHE B 118 0.13 -4.93 16.62
N THR B 119 0.76 -5.86 17.32
CA THR B 119 1.37 -5.60 18.63
C THR B 119 2.76 -6.26 18.63
N LYS B 120 3.51 -5.84 19.63
CA LYS B 120 4.87 -6.32 19.84
C LYS B 120 4.96 -7.60 20.61
N VAL B 121 3.85 -8.26 20.89
CA VAL B 121 3.80 -9.51 21.64
C VAL B 121 3.26 -10.66 20.74
#